data_7TSJ
#
_entry.id   7TSJ
#
_cell.length_a   113.892
_cell.length_b   100.870
_cell.length_c   65.384
_cell.angle_alpha   90.000
_cell.angle_beta   124.880
_cell.angle_gamma   90.000
#
_symmetry.space_group_name_H-M   'C 1 2 1'
#
loop_
_entity.id
_entity.type
_entity.pdbx_description
1 polymer 'Carbon monoxide dehydrogenase'
2 non-polymer 'IRON/SULFUR CLUSTER'
3 non-polymer 'FE2/S2 (INORGANIC) CLUSTER'
4 non-polymer 'Fe(4)-Ni(1)-S(4) cluster, oxidized'
5 non-polymer XENON
6 water water
#
_entity_poly.entity_id   1
_entity_poly.type   'polypeptide(L)'
_entity_poly.pdbx_seq_one_letter_code
;MWSHPAVRKSSSKTIRSRSIWDDAHAMLEKAKAEGISTVWDRAAEQTPACKFCELGTTCRNCIMGPCRIANRKDGKMRLG
VCGADADVIVARNFGRFIAGGAAGHSDHGRDLIETLEAVAEGKAPGYTIRDVAKLRRIAAELGVADAATRPAHDVAADLV
TICYNDFGSRRNALAFLARAPQVRRDLWQRLGMTPRGVDREIAEMMHRTHMGCDNDHTSLLVHAARTALADGWGGSMIGT
ELSDILFGTPRPRQSTVNLGVLRKDAVNILVHGHNPVVSEMILAATREPAVRQAAQDAGAADINVAGLCCTGNELLMRQG
IPMAGNHLMTELAIVTGAADAIVADYQCIMPSLVQIAACYHTRFVTTSPKGRFTGATHVEVHPHNAQERCREIVMLAIDA
YTRRDPARVDIPSQPVSIMSGFSNEAILEALGGTPKPLIDAVVAGQIRGFVGIVGCNNPKIRQDSANVTLTRELIRRDIM
VLATGCVTTAAGKAGLLVPEAASKAGEGLAAVCRSLGVPPVLHMGSCVDNSRILQLCALLATTLGVDISDLPVGASSPEW
YSEKAAAIAMYAVASGIPTHLGLPPNILGSENVTAMALHGLQDVVGAAFMVEPDPVKAADMLEAHIVARRARLGLTS
;
_entity_poly.pdbx_strand_id   A
#
# COMPACT_ATOMS: atom_id res chain seq x y z
N ARG A 16 10.42 1.75 24.49
CA ARG A 16 11.56 1.00 23.96
C ARG A 16 11.09 -0.27 23.29
N SER A 17 10.47 -1.15 24.08
CA SER A 17 9.91 -2.41 23.58
C SER A 17 8.78 -2.16 22.59
N ARG A 18 8.43 -0.88 22.37
CA ARG A 18 7.45 -0.55 21.35
C ARG A 18 8.01 -0.65 19.93
N SER A 19 9.32 -0.69 19.78
CA SER A 19 9.93 -0.63 18.46
C SER A 19 11.32 -1.27 18.52
N ILE A 20 11.76 -1.81 17.38
CA ILE A 20 13.12 -2.33 17.29
C ILE A 20 14.13 -1.23 16.97
N TRP A 21 13.66 -0.02 16.64
CA TRP A 21 14.49 1.01 16.02
C TRP A 21 15.00 2.02 17.04
N ASP A 22 16.30 2.35 16.90
CA ASP A 22 16.91 3.37 17.75
C ASP A 22 16.29 4.74 17.55
N ASP A 23 15.99 5.10 16.29
CA ASP A 23 15.44 6.44 16.04
C ASP A 23 14.04 6.59 16.64
N ALA A 24 13.19 5.56 16.51
CA ALA A 24 11.91 5.56 17.22
C ALA A 24 12.13 5.61 18.73
N HIS A 25 12.97 4.70 19.25
CA HIS A 25 13.22 4.65 20.69
C HIS A 25 13.59 6.02 21.24
N ALA A 26 14.52 6.71 20.58
CA ALA A 26 14.93 8.04 21.04
C ALA A 26 13.75 9.00 21.07
N MET A 27 12.93 9.01 20.00
CA MET A 27 11.80 9.93 19.94
C MET A 27 10.70 9.57 20.92
N LEU A 28 10.59 8.30 21.30
CA LEU A 28 9.64 7.94 22.35
C LEU A 28 10.07 8.50 23.70
N GLU A 29 11.38 8.50 23.99
CA GLU A 29 11.86 9.13 25.22
C GLU A 29 11.64 10.64 25.17
N LYS A 30 11.92 11.26 24.02
CA LYS A 30 11.69 12.69 23.87
C LYS A 30 10.22 13.03 24.09
N ALA A 31 9.32 12.24 23.51
CA ALA A 31 7.89 12.50 23.66
C ALA A 31 7.44 12.28 25.09
N LYS A 32 8.00 11.29 25.77
CA LYS A 32 7.61 11.03 27.16
C LYS A 32 8.03 12.18 28.06
N ALA A 33 9.23 12.72 27.87
CA ALA A 33 9.69 13.83 28.70
C ALA A 33 8.89 15.10 28.44
N GLU A 34 8.43 15.30 27.21
CA GLU A 34 7.60 16.46 26.88
C GLU A 34 6.12 16.19 27.13
N GLY A 35 5.77 15.02 27.66
CA GLY A 35 4.39 14.69 27.94
C GLY A 35 3.49 14.65 26.71
N ILE A 36 4.02 14.15 25.59
CA ILE A 36 3.26 14.04 24.35
C ILE A 36 2.79 12.60 24.24
N SER A 37 1.48 12.40 24.16
CA SER A 37 0.94 11.05 24.09
C SER A 37 1.00 10.52 22.66
N THR A 38 1.36 9.26 22.50
CA THR A 38 1.56 8.66 21.20
C THR A 38 0.53 7.56 20.95
N VAL A 39 0.50 7.11 19.69
CA VAL A 39 -0.34 5.99 19.28
C VAL A 39 -0.15 4.80 20.22
N TRP A 40 1.09 4.55 20.67
CA TRP A 40 1.32 3.44 21.59
C TRP A 40 0.61 3.68 22.92
N ASP A 41 0.60 4.93 23.39
CA ASP A 41 -0.08 5.25 24.66
C ASP A 41 -1.59 5.07 24.54
N ARG A 42 -2.18 5.54 23.44
CA ARG A 42 -3.61 5.38 23.25
C ARG A 42 -3.97 3.93 22.98
N ALA A 43 -3.06 3.17 22.38
CA ALA A 43 -3.31 1.74 22.20
C ALA A 43 -3.43 1.05 23.56
N ALA A 44 -2.64 1.48 24.54
CA ALA A 44 -2.75 0.92 25.88
C ALA A 44 -4.10 1.24 26.50
N GLU A 45 -4.60 2.47 26.30
CA GLU A 45 -5.86 2.88 26.89
C GLU A 45 -7.03 2.05 26.37
N GLN A 46 -6.98 1.64 25.11
CA GLN A 46 -8.03 0.86 24.48
C GLN A 46 -7.84 -0.63 24.66
N THR A 47 -7.10 -1.05 25.68
CA THR A 47 -6.82 -2.45 25.95
C THR A 47 -7.31 -2.80 27.34
N PRO A 48 -8.14 -3.84 27.51
CA PRO A 48 -8.64 -4.78 26.48
C PRO A 48 -9.71 -4.12 25.64
N ALA A 49 -9.89 -4.56 24.40
CA ALA A 49 -10.96 -4.03 23.57
C ALA A 49 -12.28 -4.72 23.91
N CYS A 50 -13.36 -4.19 23.36
CA CYS A 50 -14.63 -4.90 23.44
C CYS A 50 -14.51 -6.28 22.83
N LYS A 51 -15.02 -7.29 23.52
CA LYS A 51 -14.84 -8.66 23.02
C LYS A 51 -15.69 -8.91 21.77
N PHE A 52 -16.89 -8.32 21.73
CA PHE A 52 -17.78 -8.58 20.59
C PHE A 52 -17.30 -7.87 19.34
N CYS A 53 -16.79 -6.65 19.49
CA CYS A 53 -16.17 -5.98 18.36
C CYS A 53 -14.97 -6.76 17.85
N GLU A 54 -14.14 -7.27 18.76
CA GLU A 54 -12.95 -8.00 18.33
C GLU A 54 -13.31 -9.31 17.65
N LEU A 55 -14.41 -9.96 18.07
CA LEU A 55 -14.83 -11.20 17.44
C LEU A 55 -15.64 -10.98 16.17
N GLY A 56 -16.12 -9.76 15.93
CA GLY A 56 -16.99 -9.49 14.80
C GLY A 56 -18.46 -9.83 15.03
N THR A 57 -18.82 -10.27 16.23
CA THR A 57 -20.19 -10.70 16.56
C THR A 57 -21.01 -9.55 17.10
N THR A 58 -20.93 -8.39 16.46
CA THR A 58 -21.74 -7.24 16.83
C THR A 58 -22.23 -6.59 15.55
N CYS A 59 -23.47 -6.11 15.57
CA CYS A 59 -24.08 -5.50 14.39
C CYS A 59 -24.78 -4.21 14.77
N ARG A 60 -24.60 -3.18 13.93
CA ARG A 60 -25.25 -1.88 14.08
C ARG A 60 -25.82 -1.39 12.75
N ASN A 61 -26.18 -2.33 11.87
CA ASN A 61 -26.66 -2.02 10.55
C ASN A 61 -28.12 -1.58 10.51
N CYS A 62 -28.84 -1.63 11.62
CA CYS A 62 -30.14 -0.98 11.70
C CYS A 62 -30.42 -0.71 13.16
N ILE A 63 -31.46 0.08 13.43
CA ILE A 63 -31.81 0.45 14.81
C ILE A 63 -32.96 -0.41 15.35
N MET A 64 -33.25 -1.55 14.72
CA MET A 64 -33.84 -2.61 15.52
C MET A 64 -32.83 -3.08 16.56
N GLY A 65 -31.56 -3.13 16.18
CA GLY A 65 -30.50 -3.34 17.14
C GLY A 65 -30.11 -2.06 17.85
N PRO A 66 -28.81 -1.90 18.18
CA PRO A 66 -27.66 -2.73 17.79
C PRO A 66 -27.65 -4.09 18.49
N CYS A 67 -27.02 -5.09 17.87
CA CYS A 67 -27.09 -6.46 18.33
C CYS A 67 -25.71 -7.01 18.63
N ARG A 68 -25.67 -7.97 19.55
CA ARG A 68 -24.47 -8.74 19.83
C ARG A 68 -24.85 -10.21 19.88
N ILE A 69 -23.97 -11.07 19.37
CA ILE A 69 -24.22 -12.50 19.33
C ILE A 69 -23.38 -13.15 20.42
N ALA A 70 -24.02 -13.98 21.23
CA ALA A 70 -23.37 -14.59 22.37
C ALA A 70 -23.55 -16.11 22.32
N ASN A 71 -22.75 -16.80 23.14
CA ASN A 71 -22.80 -18.25 23.31
C ASN A 71 -23.10 -18.52 24.79
N ARG A 72 -24.35 -18.32 25.18
CA ARG A 72 -24.75 -18.39 26.57
C ARG A 72 -25.68 -19.57 26.81
N LYS A 73 -25.69 -20.05 28.06
CA LYS A 73 -26.37 -21.30 28.38
C LYS A 73 -27.87 -21.20 28.14
N ASP A 74 -28.50 -20.09 28.55
CA ASP A 74 -29.93 -19.92 28.35
C ASP A 74 -30.34 -19.83 26.89
N GLY A 75 -29.37 -19.67 25.98
CA GLY A 75 -29.65 -19.62 24.56
C GLY A 75 -29.95 -18.24 24.01
N LYS A 76 -30.14 -17.25 24.87
CA LYS A 76 -30.47 -15.91 24.43
C LYS A 76 -29.29 -15.26 23.71
N MET A 77 -29.60 -14.25 22.90
CA MET A 77 -28.62 -13.49 22.15
C MET A 77 -27.79 -14.37 21.23
N ARG A 78 -28.39 -15.43 20.70
CA ARG A 78 -27.73 -16.18 19.65
C ARG A 78 -28.05 -15.64 18.27
N LEU A 79 -29.09 -14.82 18.14
CA LEU A 79 -29.53 -14.29 16.87
C LEU A 79 -29.76 -12.79 16.98
N GLY A 80 -29.50 -12.09 15.87
CA GLY A 80 -29.91 -10.71 15.78
C GLY A 80 -31.43 -10.57 15.82
N VAL A 81 -31.89 -9.34 16.07
CA VAL A 81 -33.33 -9.13 16.16
C VAL A 81 -33.99 -9.54 14.85
N CYS A 82 -33.35 -9.23 13.73
CA CYS A 82 -33.80 -9.66 12.41
C CYS A 82 -33.64 -11.17 12.20
N GLY A 83 -33.10 -11.92 13.17
CA GLY A 83 -32.81 -13.34 12.97
C GLY A 83 -31.41 -13.67 12.46
N ALA A 84 -30.59 -12.68 12.12
CA ALA A 84 -29.25 -12.96 11.61
C ALA A 84 -28.37 -13.62 12.68
N ASP A 85 -27.60 -14.65 12.27
CA ASP A 85 -26.72 -15.38 13.17
C ASP A 85 -25.28 -14.87 13.08
N ALA A 86 -24.41 -15.47 13.90
CA ALA A 86 -23.00 -15.05 13.95
C ALA A 86 -22.34 -15.10 12.58
N ASP A 87 -22.60 -16.17 11.81
CA ASP A 87 -21.97 -16.31 10.50
C ASP A 87 -22.31 -15.12 9.60
N VAL A 88 -23.60 -14.76 9.51
CA VAL A 88 -24.01 -13.66 8.65
C VAL A 88 -23.43 -12.34 9.15
N ILE A 89 -23.52 -12.08 10.47
CA ILE A 89 -23.09 -10.79 10.99
C ILE A 89 -21.57 -10.62 10.80
N VAL A 90 -20.78 -11.66 11.11
CA VAL A 90 -19.33 -11.59 10.92
C VAL A 90 -19.00 -11.37 9.45
N ALA A 91 -19.62 -12.14 8.55
CA ALA A 91 -19.32 -11.97 7.14
C ALA A 91 -19.73 -10.60 6.63
N ARG A 92 -20.81 -10.02 7.17
CA ARG A 92 -21.21 -8.68 6.71
C ARG A 92 -20.22 -7.63 7.18
N ASN A 93 -19.82 -7.71 8.45
CA ASN A 93 -18.79 -6.81 8.97
C ASN A 93 -17.49 -6.92 8.18
N PHE A 94 -17.08 -8.14 7.84
CA PHE A 94 -15.85 -8.29 7.07
C PHE A 94 -16.02 -7.75 5.66
N GLY A 95 -17.20 -7.94 5.06
CA GLY A 95 -17.42 -7.40 3.74
C GLY A 95 -17.32 -5.89 3.71
N ARG A 96 -17.90 -5.21 4.71
CA ARG A 96 -17.84 -3.75 4.75
C ARG A 96 -16.43 -3.28 5.04
N PHE A 97 -15.70 -4.04 5.88
CA PHE A 97 -14.29 -3.79 6.09
C PHE A 97 -13.54 -3.77 4.77
N ILE A 98 -13.64 -4.88 4.01
CA ILE A 98 -12.94 -4.98 2.72
C ILE A 98 -13.37 -3.86 1.79
N ALA A 99 -14.68 -3.53 1.79
CA ALA A 99 -15.17 -2.50 0.88
C ALA A 99 -14.58 -1.13 1.20
N GLY A 100 -14.35 -0.85 2.49
CA GLY A 100 -13.72 0.41 2.83
C GLY A 100 -12.27 0.45 2.37
N GLY A 101 -11.59 -0.68 2.42
CA GLY A 101 -10.22 -0.73 1.91
C GLY A 101 -10.19 -0.53 0.42
N ALA A 102 -11.11 -1.18 -0.30
CA ALA A 102 -11.18 -1.01 -1.75
C ALA A 102 -11.54 0.42 -2.12
N ALA A 103 -12.39 1.05 -1.34
CA ALA A 103 -12.76 2.44 -1.60
C ALA A 103 -11.57 3.37 -1.40
N GLY A 104 -10.74 3.09 -0.41
CA GLY A 104 -9.54 3.87 -0.24
C GLY A 104 -8.68 3.89 -1.49
N HIS A 105 -8.63 2.78 -2.20
CA HIS A 105 -7.83 2.70 -3.42
C HIS A 105 -8.58 3.21 -4.63
N SER A 106 -9.89 2.96 -4.70
CA SER A 106 -10.66 3.38 -5.87
C SER A 106 -10.61 4.88 -6.06
N ASP A 107 -10.83 5.64 -4.98
CA ASP A 107 -10.87 7.10 -5.11
C ASP A 107 -9.52 7.67 -5.52
N HIS A 108 -8.44 7.00 -5.12
CA HIS A 108 -7.13 7.42 -5.58
C HIS A 108 -7.00 7.23 -7.08
N GLY A 109 -7.37 6.05 -7.58
CA GLY A 109 -7.36 5.82 -9.02
C GLY A 109 -8.25 6.81 -9.76
N ARG A 110 -9.42 7.12 -9.20
CA ARG A 110 -10.29 8.12 -9.82
C ARG A 110 -9.58 9.46 -9.92
N ASP A 111 -8.83 9.86 -8.88
CA ASP A 111 -8.13 11.14 -8.98
C ASP A 111 -7.06 11.11 -10.06
N LEU A 112 -6.41 9.97 -10.27
CA LEU A 112 -5.40 9.89 -11.33
C LEU A 112 -6.07 10.00 -12.69
N ILE A 113 -7.24 9.40 -12.86
CA ILE A 113 -7.95 9.55 -14.13
C ILE A 113 -8.24 11.02 -14.39
N GLU A 114 -8.78 11.69 -13.36
CA GLU A 114 -9.11 13.11 -13.52
C GLU A 114 -7.87 13.93 -13.83
N THR A 115 -6.74 13.60 -13.21
CA THR A 115 -5.52 14.35 -13.50
C THR A 115 -5.10 14.18 -14.95
N LEU A 116 -5.15 12.95 -15.45
CA LEU A 116 -4.73 12.69 -16.83
C LEU A 116 -5.63 13.37 -17.84
N GLU A 117 -6.94 13.35 -17.56
CA GLU A 117 -7.89 14.06 -18.41
C GLU A 117 -7.60 15.56 -18.43
N ALA A 118 -7.25 16.13 -17.27
CA ALA A 118 -6.90 17.55 -17.26
C ALA A 118 -5.63 17.80 -18.07
N VAL A 119 -4.65 16.89 -17.99
CA VAL A 119 -3.46 17.05 -18.85
C VAL A 119 -3.86 16.91 -20.31
N ALA A 120 -4.73 15.94 -20.61
CA ALA A 120 -5.15 15.71 -21.99
C ALA A 120 -5.89 16.93 -22.54
N GLU A 121 -6.70 17.58 -21.70
CA GLU A 121 -7.38 18.80 -22.12
C GLU A 121 -6.48 20.03 -22.06
N GLY A 122 -5.24 19.88 -21.60
CA GLY A 122 -4.38 21.05 -21.46
C GLY A 122 -4.86 22.03 -20.40
N LYS A 123 -5.36 21.54 -19.28
CA LYS A 123 -5.91 22.36 -18.22
C LYS A 123 -5.22 22.07 -16.88
N ALA A 124 -3.92 21.79 -16.91
CA ALA A 124 -3.18 21.42 -15.71
C ALA A 124 -1.77 21.97 -15.82
N PRO A 125 -1.57 23.24 -15.46
CA PRO A 125 -0.26 23.86 -15.63
C PRO A 125 0.79 23.17 -14.77
N GLY A 126 1.96 22.90 -15.37
CA GLY A 126 3.00 22.23 -14.65
C GLY A 126 2.90 20.72 -14.65
N TYR A 127 1.84 20.15 -15.23
CA TYR A 127 1.74 18.71 -15.43
C TYR A 127 1.98 18.35 -16.89
N THR A 128 2.64 17.22 -17.11
CA THR A 128 2.82 16.68 -18.45
C THR A 128 2.60 15.18 -18.39
N ILE A 129 2.57 14.56 -19.57
CA ILE A 129 2.69 13.11 -19.67
C ILE A 129 4.18 12.81 -19.68
N ARG A 130 4.70 12.34 -18.55
CA ARG A 130 6.14 12.12 -18.44
C ARG A 130 6.60 10.87 -19.19
N ASP A 131 5.78 9.83 -19.27
CA ASP A 131 6.18 8.60 -19.94
C ASP A 131 5.20 8.35 -21.09
N VAL A 132 5.51 8.93 -22.26
CA VAL A 132 4.62 8.77 -23.41
C VAL A 132 4.67 7.35 -23.93
N ALA A 133 5.83 6.72 -23.90
CA ALA A 133 5.92 5.34 -24.36
C ALA A 133 4.97 4.46 -23.55
N LYS A 134 4.94 4.64 -22.23
CA LYS A 134 4.04 3.84 -21.42
C LYS A 134 2.57 4.20 -21.71
N LEU A 135 2.28 5.49 -21.90
CA LEU A 135 0.92 5.88 -22.28
C LEU A 135 0.45 5.10 -23.50
N ARG A 136 1.27 5.09 -24.57
CA ARG A 136 0.85 4.40 -25.78
C ARG A 136 0.74 2.90 -25.56
N ARG A 137 1.66 2.32 -24.77
CA ARG A 137 1.59 0.89 -24.53
C ARG A 137 0.33 0.51 -23.76
N ILE A 138 0.04 1.22 -22.66
CA ILE A 138 -1.15 0.90 -21.88
C ILE A 138 -2.40 1.15 -22.70
N ALA A 139 -2.44 2.25 -23.44
CA ALA A 139 -3.62 2.54 -24.26
C ALA A 139 -3.83 1.45 -25.31
N ALA A 140 -2.75 1.00 -25.95
CA ALA A 140 -2.89 -0.09 -26.92
C ALA A 140 -3.39 -1.36 -26.25
N GLU A 141 -2.84 -1.67 -25.09
CA GLU A 141 -3.23 -2.89 -24.39
C GLU A 141 -4.74 -2.91 -24.06
N LEU A 142 -5.30 -1.76 -23.72
CA LEU A 142 -6.71 -1.70 -23.35
C LEU A 142 -7.62 -1.42 -24.53
N GLY A 143 -7.10 -1.33 -25.76
CA GLY A 143 -7.92 -1.29 -26.95
C GLY A 143 -8.07 0.05 -27.65
N VAL A 144 -7.30 1.08 -27.25
CA VAL A 144 -7.33 2.35 -27.96
C VAL A 144 -6.72 2.18 -29.35
N ALA A 145 -7.48 2.54 -30.38
CA ALA A 145 -7.03 2.30 -31.75
C ALA A 145 -5.91 3.25 -32.16
N ASP A 146 -4.90 2.72 -32.83
CA ASP A 146 -3.77 3.54 -33.32
C ASP A 146 -3.04 4.25 -32.18
N ALA A 147 -2.94 3.62 -31.02
CA ALA A 147 -2.35 4.31 -29.89
C ALA A 147 -0.87 4.59 -30.08
N ALA A 148 -0.22 3.99 -31.08
CA ALA A 148 1.22 4.15 -31.19
C ALA A 148 1.61 5.42 -31.92
N THR A 149 0.73 5.96 -32.77
CA THR A 149 1.11 7.02 -33.68
C THR A 149 0.21 8.26 -33.65
N ARG A 150 -0.94 8.22 -32.98
CA ARG A 150 -1.79 9.40 -32.87
C ARG A 150 -1.20 10.37 -31.85
N PRO A 151 -1.59 11.65 -31.92
CA PRO A 151 -1.11 12.63 -30.94
C PRO A 151 -1.32 12.14 -29.50
N ALA A 152 -0.33 12.42 -28.64
CA ALA A 152 -0.35 11.85 -27.31
C ALA A 152 -1.57 12.27 -26.50
N HIS A 153 -2.07 13.49 -26.71
CA HIS A 153 -3.19 13.97 -25.90
C HIS A 153 -4.48 13.28 -26.31
N ASP A 154 -4.66 13.00 -27.59
CA ASP A 154 -5.84 12.25 -28.02
C ASP A 154 -5.78 10.82 -27.50
N VAL A 155 -4.59 10.20 -27.55
CA VAL A 155 -4.45 8.87 -26.98
C VAL A 155 -4.81 8.91 -25.49
N ALA A 156 -4.31 9.91 -24.79
CA ALA A 156 -4.60 10.04 -23.36
C ALA A 156 -6.10 10.16 -23.12
N ALA A 157 -6.80 10.94 -23.95
CA ALA A 157 -8.24 11.13 -23.75
C ALA A 157 -9.01 9.82 -23.93
N ASP A 158 -8.61 9.00 -24.91
CA ASP A 158 -9.22 7.69 -25.09
C ASP A 158 -8.89 6.75 -23.94
N LEU A 159 -7.68 6.84 -23.39
CA LEU A 159 -7.38 6.00 -22.24
C LEU A 159 -8.23 6.41 -21.06
N VAL A 160 -8.38 7.73 -20.86
CA VAL A 160 -9.20 8.26 -19.77
C VAL A 160 -10.63 7.69 -19.88
N THR A 161 -11.17 7.66 -21.10
CA THR A 161 -12.52 7.14 -21.32
C THR A 161 -12.64 5.67 -20.93
N ILE A 162 -11.64 4.86 -21.31
CA ILE A 162 -11.68 3.45 -20.92
C ILE A 162 -11.60 3.30 -19.41
N CYS A 163 -10.70 4.05 -18.76
CA CYS A 163 -10.60 3.98 -17.31
C CYS A 163 -11.91 4.39 -16.64
N TYR A 164 -12.54 5.48 -17.12
CA TYR A 164 -13.81 5.91 -16.55
C TYR A 164 -14.88 4.84 -16.73
N ASN A 165 -14.89 4.15 -17.88
CA ASN A 165 -15.85 3.07 -18.06
C ASN A 165 -15.68 1.98 -17.01
N ASP A 166 -14.45 1.74 -16.55
CA ASP A 166 -14.27 0.81 -15.43
C ASP A 166 -14.82 1.37 -14.13
N PHE A 167 -15.01 2.68 -14.02
CA PHE A 167 -15.73 3.28 -12.90
C PHE A 167 -17.22 3.51 -13.21
N GLY A 168 -17.73 2.83 -14.23
CA GLY A 168 -19.13 2.81 -14.53
C GLY A 168 -19.75 1.44 -14.32
N SER A 169 -20.93 1.26 -14.87
CA SER A 169 -21.77 0.12 -14.51
C SER A 169 -22.17 -0.72 -15.72
N ARG A 170 -21.46 -0.60 -16.85
CA ARG A 170 -21.84 -1.30 -18.08
C ARG A 170 -20.84 -2.37 -18.54
N ARG A 171 -19.74 -2.60 -17.82
CA ARG A 171 -18.78 -3.60 -18.26
C ARG A 171 -19.11 -4.95 -17.65
N ASN A 172 -18.75 -6.01 -18.35
CA ASN A 172 -18.85 -7.31 -17.71
C ASN A 172 -17.56 -7.72 -17.00
N ALA A 173 -16.44 -7.07 -17.30
CA ALA A 173 -15.18 -7.33 -16.61
C ALA A 173 -14.30 -6.10 -16.74
N LEU A 174 -13.58 -5.78 -15.67
CA LEU A 174 -12.62 -4.69 -15.70
C LEU A 174 -11.62 -4.83 -16.84
N ALA A 175 -11.11 -3.70 -17.32
CA ALA A 175 -10.24 -3.70 -18.48
C ALA A 175 -8.91 -4.42 -18.21
N PHE A 176 -8.26 -4.16 -17.07
CA PHE A 176 -6.95 -4.77 -16.81
C PHE A 176 -7.04 -6.25 -16.47
N LEU A 177 -8.24 -6.77 -16.26
CA LEU A 177 -8.40 -8.18 -15.88
C LEU A 177 -7.90 -9.12 -16.96
N ALA A 178 -7.81 -8.66 -18.21
CA ALA A 178 -7.32 -9.50 -19.28
C ALA A 178 -5.84 -9.83 -19.12
N ARG A 179 -5.13 -9.17 -18.19
CA ARG A 179 -3.77 -9.60 -17.89
C ARG A 179 -3.75 -10.95 -17.19
N ALA A 180 -4.79 -11.25 -16.42
CA ALA A 180 -4.82 -12.51 -15.70
C ALA A 180 -4.83 -13.65 -16.70
N PRO A 181 -4.25 -14.79 -16.37
CA PRO A 181 -4.34 -15.94 -17.26
C PRO A 181 -5.78 -16.37 -17.47
N GLN A 182 -6.03 -16.93 -18.65
CA GLN A 182 -7.38 -17.35 -19.02
C GLN A 182 -7.97 -18.31 -17.98
N VAL A 183 -7.18 -19.29 -17.54
CA VAL A 183 -7.67 -20.24 -16.53
C VAL A 183 -8.17 -19.50 -15.30
N ARG A 184 -7.51 -18.40 -14.96
CA ARG A 184 -7.93 -17.60 -13.80
C ARG A 184 -9.24 -16.88 -14.06
N ARG A 185 -9.36 -16.24 -15.22
CA ARG A 185 -10.60 -15.52 -15.52
C ARG A 185 -11.77 -16.49 -15.60
N ASP A 186 -11.54 -17.70 -16.13
CA ASP A 186 -12.60 -18.69 -16.20
C ASP A 186 -13.08 -19.06 -14.81
N LEU A 187 -12.14 -19.26 -13.90
CA LEU A 187 -12.50 -19.58 -12.52
C LEU A 187 -13.33 -18.47 -11.89
N TRP A 188 -12.85 -17.22 -11.96
CA TRP A 188 -13.58 -16.10 -11.40
C TRP A 188 -14.99 -16.03 -11.98
N GLN A 189 -15.11 -16.20 -13.29
CA GLN A 189 -16.42 -16.13 -13.94
C GLN A 189 -17.34 -17.22 -13.40
N ARG A 190 -16.85 -18.47 -13.32
CA ARG A 190 -17.70 -19.53 -12.80
C ARG A 190 -18.09 -19.29 -11.34
N LEU A 191 -17.21 -18.67 -10.55
CA LEU A 191 -17.47 -18.44 -9.13
C LEU A 191 -18.33 -17.19 -8.88
N GLY A 192 -18.60 -16.38 -9.90
CA GLY A 192 -19.24 -15.09 -9.66
C GLY A 192 -18.35 -14.06 -9.04
N MET A 193 -17.02 -14.16 -9.24
CA MET A 193 -16.07 -13.25 -8.64
C MET A 193 -15.57 -12.17 -9.59
N THR A 194 -15.85 -12.27 -10.88
CA THR A 194 -15.32 -11.33 -11.86
C THR A 194 -15.66 -9.90 -11.45
N PRO A 195 -14.68 -9.03 -11.21
CA PRO A 195 -15.01 -7.62 -10.93
C PRO A 195 -15.47 -6.94 -12.20
N ARG A 196 -16.57 -6.18 -12.09
CA ARG A 196 -17.22 -5.54 -13.23
C ARG A 196 -17.04 -4.04 -13.25
N GLY A 197 -17.07 -3.40 -12.09
CA GLY A 197 -16.95 -1.97 -11.96
C GLY A 197 -16.33 -1.66 -10.62
N VAL A 198 -15.40 -0.72 -10.61
CA VAL A 198 -14.68 -0.37 -9.38
C VAL A 198 -15.66 0.12 -8.31
N ASP A 199 -16.41 1.20 -8.59
CA ASP A 199 -17.40 1.70 -7.62
C ASP A 199 -18.58 0.75 -7.50
N ARG A 200 -19.00 0.15 -8.62
CA ARG A 200 -20.11 -0.79 -8.59
C ARG A 200 -19.94 -1.87 -7.54
N GLU A 201 -18.73 -2.47 -7.43
CA GLU A 201 -18.59 -3.58 -6.49
C GLU A 201 -18.62 -3.10 -5.05
N ILE A 202 -18.11 -1.89 -4.79
CA ILE A 202 -18.21 -1.29 -3.47
C ILE A 202 -19.66 -1.04 -3.10
N ALA A 203 -20.40 -0.40 -4.02
CA ALA A 203 -21.83 -0.14 -3.80
C ALA A 203 -22.59 -1.44 -3.56
N GLU A 204 -22.36 -2.46 -4.40
CA GLU A 204 -23.11 -3.70 -4.20
C GLU A 204 -22.77 -4.34 -2.85
N MET A 205 -21.52 -4.20 -2.37
CA MET A 205 -21.21 -4.74 -1.05
C MET A 205 -22.02 -4.04 0.05
N MET A 206 -22.12 -2.70 -0.02
CA MET A 206 -22.90 -1.98 0.98
C MET A 206 -24.36 -2.38 0.90
N HIS A 207 -24.88 -2.60 -0.31
CA HIS A 207 -26.25 -3.08 -0.51
C HIS A 207 -26.45 -4.46 0.11
N ARG A 208 -25.55 -5.40 -0.19
CA ARG A 208 -25.69 -6.77 0.29
C ARG A 208 -25.68 -6.83 1.80
N THR A 209 -25.05 -5.88 2.46
CA THR A 209 -24.90 -5.91 3.92
C THR A 209 -25.96 -5.10 4.64
N HIS A 210 -26.82 -4.36 3.92
CA HIS A 210 -28.05 -3.84 4.51
C HIS A 210 -28.86 -5.02 5.06
N MET A 211 -29.61 -4.76 6.13
CA MET A 211 -30.39 -5.84 6.73
C MET A 211 -31.38 -6.41 5.72
N GLY A 212 -31.59 -7.72 5.82
CA GLY A 212 -32.53 -8.39 4.95
C GLY A 212 -32.15 -8.39 3.50
N CYS A 213 -30.86 -8.44 3.18
CA CYS A 213 -30.45 -8.59 1.79
C CYS A 213 -29.68 -9.89 1.70
N ASP A 214 -28.36 -9.85 1.61
CA ASP A 214 -27.54 -11.06 1.51
C ASP A 214 -27.32 -11.64 2.91
N ASN A 215 -27.97 -12.76 3.19
CA ASN A 215 -27.87 -13.40 4.48
C ASN A 215 -27.31 -14.81 4.34
N ASP A 216 -26.17 -14.93 3.67
CA ASP A 216 -25.51 -16.22 3.54
C ASP A 216 -24.02 -15.98 3.52
N HIS A 217 -23.31 -16.49 4.53
CA HIS A 217 -21.93 -16.07 4.69
C HIS A 217 -21.10 -16.40 3.45
N THR A 218 -21.42 -17.49 2.75
CA THR A 218 -20.63 -17.85 1.57
C THR A 218 -20.81 -16.81 0.47
N SER A 219 -22.06 -16.50 0.11
CA SER A 219 -22.33 -15.45 -0.85
C SER A 219 -21.60 -14.15 -0.51
N LEU A 220 -21.62 -13.78 0.77
CA LEU A 220 -21.02 -12.51 1.18
C LEU A 220 -19.50 -12.54 1.01
N LEU A 221 -18.86 -13.68 1.32
CA LEU A 221 -17.40 -13.80 1.20
C LEU A 221 -16.96 -13.76 -0.25
N VAL A 222 -17.74 -14.37 -1.14
CA VAL A 222 -17.47 -14.29 -2.58
C VAL A 222 -17.55 -12.85 -3.06
N HIS A 223 -18.58 -12.11 -2.67
CA HIS A 223 -18.62 -10.73 -3.13
C HIS A 223 -17.51 -9.89 -2.49
N ALA A 224 -17.03 -10.27 -1.29
CA ALA A 224 -15.88 -9.59 -0.74
C ALA A 224 -14.63 -9.83 -1.60
N ALA A 225 -14.47 -11.06 -2.11
CA ALA A 225 -13.37 -11.33 -3.03
C ALA A 225 -13.54 -10.53 -4.31
N ARG A 226 -14.77 -10.47 -4.85
CA ARG A 226 -15.03 -9.68 -6.05
C ARG A 226 -14.73 -8.20 -5.81
N THR A 227 -15.08 -7.69 -4.63
CA THR A 227 -14.81 -6.30 -4.34
C THR A 227 -13.31 -6.03 -4.26
N ALA A 228 -12.58 -6.94 -3.62
CA ALA A 228 -11.12 -6.74 -3.52
C ALA A 228 -10.48 -6.81 -4.90
N LEU A 229 -10.88 -7.79 -5.71
CA LEU A 229 -10.39 -7.89 -7.08
C LEU A 229 -10.64 -6.61 -7.86
N ALA A 230 -11.79 -5.97 -7.63
CA ALA A 230 -12.11 -4.71 -8.29
C ALA A 230 -11.11 -3.62 -7.91
N ASP A 231 -10.49 -3.76 -6.74
CA ASP A 231 -9.39 -2.90 -6.34
C ASP A 231 -8.08 -3.31 -7.04
N GLY A 232 -7.61 -4.54 -6.79
CA GLY A 232 -6.29 -4.94 -7.29
C GLY A 232 -6.14 -4.87 -8.80
N TRP A 233 -7.17 -5.29 -9.54
CA TRP A 233 -7.19 -5.25 -10.99
C TRP A 233 -7.95 -4.04 -11.52
N GLY A 234 -8.24 -3.08 -10.66
CA GLY A 234 -9.07 -1.95 -11.03
C GLY A 234 -8.55 -0.66 -10.42
N GLY A 235 -9.13 -0.25 -9.28
CA GLY A 235 -8.70 1.00 -8.63
C GLY A 235 -7.18 1.13 -8.54
N SER A 236 -6.51 0.11 -7.95
CA SER A 236 -5.08 0.24 -7.69
C SER A 236 -4.26 0.16 -8.97
N MET A 237 -4.63 -0.72 -9.90
CA MET A 237 -3.85 -0.90 -11.12
C MET A 237 -3.97 0.31 -12.04
N ILE A 238 -5.18 0.86 -12.18
CA ILE A 238 -5.35 2.15 -12.85
C ILE A 238 -4.50 3.21 -12.17
N GLY A 239 -4.54 3.24 -10.83
CA GLY A 239 -3.74 4.22 -10.10
C GLY A 239 -2.24 4.07 -10.36
N THR A 240 -1.72 2.84 -10.29
CA THR A 240 -0.29 2.63 -10.54
C THR A 240 0.08 3.06 -11.95
N GLU A 241 -0.66 2.57 -12.94
CA GLU A 241 -0.22 2.73 -14.32
C GLU A 241 -0.34 4.18 -14.77
N LEU A 242 -1.40 4.87 -14.35
CA LEU A 242 -1.58 6.29 -14.69
C LEU A 242 -0.58 7.17 -13.95
N SER A 243 -0.22 6.83 -12.71
CA SER A 243 0.84 7.57 -12.03
C SER A 243 2.15 7.48 -12.80
N ASP A 244 2.49 6.28 -13.30
CA ASP A 244 3.73 6.14 -14.07
C ASP A 244 3.65 6.95 -15.35
N ILE A 245 2.47 7.01 -15.97
CA ILE A 245 2.30 7.81 -17.18
C ILE A 245 2.48 9.29 -16.87
N LEU A 246 1.89 9.75 -15.76
CA LEU A 246 1.94 11.17 -15.45
C LEU A 246 3.27 11.58 -14.83
N PHE A 247 3.86 10.72 -14.00
CA PHE A 247 5.00 11.13 -13.20
C PHE A 247 6.27 10.36 -13.48
N GLY A 248 6.23 9.35 -14.32
CA GLY A 248 7.44 8.68 -14.78
C GLY A 248 7.41 7.27 -14.26
N THR A 249 7.87 6.34 -15.09
CA THR A 249 8.01 4.96 -14.65
C THR A 249 9.25 4.81 -13.78
N PRO A 250 9.15 4.18 -12.60
CA PRO A 250 10.31 4.07 -11.71
C PRO A 250 11.44 3.24 -12.31
N ARG A 251 12.67 3.71 -12.10
CA ARG A 251 13.91 3.07 -12.48
C ARG A 251 14.80 2.97 -11.26
N PRO A 252 15.65 1.95 -11.17
CA PRO A 252 16.39 1.72 -9.93
C PRO A 252 17.30 2.90 -9.63
N ARG A 253 17.27 3.36 -8.38
CA ARG A 253 18.07 4.50 -7.97
C ARG A 253 18.33 4.40 -6.47
N GLN A 254 19.26 5.20 -5.99
CA GLN A 254 19.72 5.15 -4.62
C GLN A 254 19.13 6.28 -3.80
N SER A 255 18.87 6.03 -2.53
CA SER A 255 18.30 7.03 -1.64
C SER A 255 18.63 6.67 -0.20
N THR A 256 17.92 7.29 0.75
CA THR A 256 18.17 7.08 2.17
C THR A 256 16.84 7.04 2.92
N VAL A 257 16.91 6.56 4.16
CA VAL A 257 15.73 6.33 4.99
C VAL A 257 16.08 6.54 6.46
N ASN A 258 15.05 6.93 7.24
CA ASN A 258 14.88 7.04 8.70
C ASN A 258 14.82 8.52 9.09
N LEU A 259 14.54 8.82 10.35
CA LEU A 259 14.36 10.22 10.76
C LEU A 259 15.59 11.08 10.47
N GLY A 260 16.77 10.48 10.30
CA GLY A 260 17.95 11.24 9.94
C GLY A 260 17.89 11.91 8.58
N VAL A 261 16.90 11.60 7.74
CA VAL A 261 16.77 12.34 6.49
C VAL A 261 16.30 13.77 6.70
N LEU A 262 15.86 14.11 7.92
CA LEU A 262 15.61 15.50 8.28
C LEU A 262 16.95 16.17 8.56
N ARG A 263 17.15 17.36 8.00
CA ARG A 263 18.37 18.14 8.19
C ARG A 263 18.06 19.31 9.11
N LYS A 264 18.91 19.51 10.12
CA LYS A 264 18.73 20.65 11.01
C LYS A 264 18.82 21.97 10.25
N ASP A 265 19.64 22.03 9.20
CA ASP A 265 19.98 23.29 8.53
C ASP A 265 19.06 23.61 7.35
N ALA A 266 17.96 22.90 7.18
CA ALA A 266 17.14 23.06 5.98
C ALA A 266 15.68 23.27 6.35
N VAL A 267 14.93 23.82 5.40
CA VAL A 267 13.48 23.86 5.52
C VAL A 267 12.95 22.45 5.24
N ASN A 268 12.37 21.81 6.25
CA ASN A 268 11.96 20.42 6.16
C ASN A 268 10.47 20.34 5.89
N ILE A 269 10.10 19.74 4.77
CA ILE A 269 8.71 19.60 4.33
C ILE A 269 8.41 18.10 4.23
N LEU A 270 7.42 17.64 4.99
CA LEU A 270 7.06 16.24 5.01
C LEU A 270 5.76 16.04 4.24
N VAL A 271 5.79 15.19 3.22
CA VAL A 271 4.57 14.82 2.50
C VAL A 271 4.06 13.52 3.10
N HIS A 272 2.74 13.44 3.27
CA HIS A 272 2.11 12.33 3.97
C HIS A 272 0.81 12.01 3.24
N GLY A 273 0.38 10.76 3.33
CA GLY A 273 -0.77 10.33 2.54
C GLY A 273 -0.41 9.52 1.31
N HIS A 274 -1.10 9.79 0.19
CA HIS A 274 -1.08 8.87 -0.94
C HIS A 274 -1.00 9.50 -2.32
N ASN A 275 -1.06 10.83 -2.43
CA ASN A 275 -1.36 11.44 -3.73
C ASN A 275 -0.13 12.07 -4.37
N PRO A 276 0.48 11.44 -5.37
CA PRO A 276 1.61 12.09 -6.07
C PRO A 276 1.20 13.38 -6.78
N VAL A 277 -0.10 13.58 -7.05
CA VAL A 277 -0.53 14.78 -7.76
C VAL A 277 -0.20 16.04 -6.96
N VAL A 278 -0.21 15.95 -5.62
CA VAL A 278 0.30 17.04 -4.80
C VAL A 278 1.82 16.94 -4.66
N SER A 279 2.32 15.77 -4.23
CA SER A 279 3.69 15.69 -3.78
C SER A 279 4.67 15.98 -4.91
N GLU A 280 4.36 15.51 -6.12
CA GLU A 280 5.22 15.81 -7.25
C GLU A 280 5.26 17.30 -7.54
N MET A 281 4.15 18.00 -7.30
CA MET A 281 4.10 19.45 -7.54
C MET A 281 4.68 20.25 -6.38
N ILE A 282 4.58 19.74 -5.15
CA ILE A 282 5.33 20.33 -4.04
C ILE A 282 6.83 20.28 -4.34
N LEU A 283 7.30 19.13 -4.83
CA LEU A 283 8.73 18.99 -5.15
C LEU A 283 9.14 19.98 -6.22
N ALA A 284 8.28 20.21 -7.22
CA ALA A 284 8.59 21.21 -8.23
C ALA A 284 8.72 22.60 -7.62
N ALA A 285 7.78 22.95 -6.73
CA ALA A 285 7.78 24.28 -6.13
C ALA A 285 9.07 24.56 -5.38
N THR A 286 9.63 23.54 -4.70
CA THR A 286 10.86 23.73 -3.95
C THR A 286 12.08 23.87 -4.85
N ARG A 287 11.94 23.64 -6.15
CA ARG A 287 13.03 23.79 -7.10
C ARG A 287 12.97 25.10 -7.88
N GLU A 288 11.86 25.82 -7.83
CA GLU A 288 11.81 27.11 -8.48
C GLU A 288 12.82 28.05 -7.82
N PRO A 289 13.52 28.88 -8.60
CA PRO A 289 14.65 29.64 -8.04
C PRO A 289 14.24 30.80 -7.15
N ALA A 290 13.00 31.27 -7.24
CA ALA A 290 12.52 32.29 -6.29
C ALA A 290 12.19 31.66 -4.94
N VAL A 291 11.77 30.40 -4.93
CA VAL A 291 11.44 29.69 -3.70
C VAL A 291 12.70 29.25 -2.97
N ARG A 292 13.65 28.67 -3.70
CA ARG A 292 14.98 28.42 -3.14
C ARG A 292 15.60 29.70 -2.58
N GLN A 293 15.33 30.85 -3.22
CA GLN A 293 15.86 32.11 -2.73
C GLN A 293 15.23 32.51 -1.40
N ALA A 294 13.91 32.37 -1.27
CA ALA A 294 13.22 32.80 -0.06
C ALA A 294 13.63 31.99 1.16
N ALA A 295 13.94 30.71 0.96
CA ALA A 295 14.43 29.91 2.08
C ALA A 295 15.84 30.33 2.50
N GLN A 296 16.67 30.75 1.55
CA GLN A 296 17.97 31.32 1.90
C GLN A 296 17.82 32.63 2.67
N ASP A 297 16.96 33.52 2.18
CA ASP A 297 16.66 34.77 2.88
C ASP A 297 16.02 34.54 4.25
N ALA A 298 15.53 33.33 4.52
CA ALA A 298 15.04 32.95 5.84
C ALA A 298 16.13 32.30 6.69
N GLY A 299 17.31 32.05 6.13
CA GLY A 299 18.42 31.48 6.86
C GLY A 299 18.72 30.02 6.59
N ALA A 300 17.90 29.35 5.78
CA ALA A 300 18.07 27.91 5.55
C ALA A 300 19.14 27.63 4.52
N ALA A 301 19.83 26.50 4.70
CA ALA A 301 20.82 26.07 3.72
C ALA A 301 20.14 25.55 2.45
N ASP A 302 18.99 24.90 2.59
CA ASP A 302 18.26 24.38 1.45
C ASP A 302 16.81 24.11 1.87
N ILE A 303 16.03 23.54 0.94
CA ILE A 303 14.67 23.06 1.21
C ILE A 303 14.68 21.54 1.07
N ASN A 304 14.32 20.85 2.14
CA ASN A 304 14.48 19.41 2.23
C ASN A 304 13.10 18.75 2.26
N VAL A 305 12.76 18.03 1.19
CA VAL A 305 11.55 17.25 1.12
C VAL A 305 11.87 15.82 1.52
N ALA A 306 11.06 15.26 2.43
CA ALA A 306 11.17 13.86 2.84
C ALA A 306 9.78 13.22 2.83
N GLY A 307 9.75 11.93 2.55
CA GLY A 307 8.50 11.21 2.35
C GLY A 307 8.01 10.46 3.58
N LEU A 308 6.69 10.38 3.69
CA LEU A 308 6.02 9.52 4.66
C LEU A 308 4.97 8.68 3.95
N CYS A 309 4.73 7.49 4.48
CA CYS A 309 3.65 6.62 4.03
C CYS A 309 3.76 6.35 2.53
N CYS A 310 2.63 6.37 1.82
CA CYS A 310 2.61 5.88 0.46
C CYS A 310 3.03 6.95 -0.55
N THR A 311 2.61 8.20 -0.35
CA THR A 311 3.15 9.27 -1.21
C THR A 311 4.67 9.34 -1.08
N GLY A 312 5.21 9.04 0.11
CA GLY A 312 6.65 8.97 0.25
C GLY A 312 7.25 7.80 -0.49
N ASN A 313 6.63 6.62 -0.37
CA ASN A 313 7.04 5.47 -1.19
C ASN A 313 7.10 5.86 -2.66
N GLU A 314 6.05 6.52 -3.17
CA GLU A 314 6.00 6.82 -4.58
C GLU A 314 7.04 7.86 -4.99
N LEU A 315 7.26 8.89 -4.15
CA LEU A 315 8.29 9.89 -4.45
C LEU A 315 9.69 9.28 -4.39
N LEU A 316 9.88 8.30 -3.51
CA LEU A 316 11.10 7.51 -3.48
C LEU A 316 11.28 6.74 -4.80
N MET A 317 10.21 6.10 -5.28
CA MET A 317 10.27 5.28 -6.50
C MET A 317 10.59 6.11 -7.73
N ARG A 318 10.03 7.32 -7.83
CA ARG A 318 10.05 8.09 -9.07
C ARG A 318 11.07 9.22 -9.08
N GLN A 319 11.45 9.73 -7.90
CA GLN A 319 12.41 10.81 -7.84
C GLN A 319 13.61 10.54 -6.95
N GLY A 320 13.63 9.43 -6.20
CA GLY A 320 14.69 9.20 -5.23
C GLY A 320 14.61 10.03 -3.97
N ILE A 321 13.46 10.63 -3.68
CA ILE A 321 13.32 11.49 -2.49
C ILE A 321 13.45 10.64 -1.24
N PRO A 322 14.29 11.00 -0.27
CA PRO A 322 14.44 10.20 0.94
C PRO A 322 13.12 10.05 1.70
N MET A 323 13.00 8.93 2.42
CA MET A 323 11.81 8.58 3.18
C MET A 323 12.08 8.67 4.68
N ALA A 324 11.32 9.52 5.37
CA ALA A 324 11.56 9.76 6.79
C ALA A 324 11.10 8.60 7.67
N GLY A 325 9.96 7.98 7.35
CA GLY A 325 9.53 6.84 8.13
C GLY A 325 8.25 6.23 7.58
N ASN A 326 7.81 5.16 8.24
CA ASN A 326 6.55 4.51 7.94
C ASN A 326 5.52 4.89 9.00
N HIS A 327 4.49 4.05 9.16
CA HIS A 327 3.24 4.50 9.79
C HIS A 327 3.42 4.89 11.26
N LEU A 328 4.01 4.03 12.08
CA LEU A 328 4.20 4.40 13.49
C LEU A 328 5.37 5.35 13.70
N MET A 329 6.10 5.73 12.65
CA MET A 329 7.11 6.79 12.71
C MET A 329 6.51 8.17 12.54
N THR A 330 5.26 8.26 12.08
CA THR A 330 4.72 9.54 11.64
C THR A 330 4.63 10.54 12.79
N GLU A 331 4.13 10.11 13.96
CA GLU A 331 4.08 11.01 15.10
C GLU A 331 5.49 11.38 15.57
N LEU A 332 6.39 10.40 15.56
CA LEU A 332 7.74 10.64 16.06
C LEU A 332 8.51 11.56 15.13
N ALA A 333 8.14 11.60 13.85
CA ALA A 333 8.81 12.50 12.92
C ALA A 333 8.61 13.95 13.31
N ILE A 334 7.50 14.26 13.98
CA ILE A 334 7.25 15.63 14.40
C ILE A 334 7.96 15.93 15.71
N VAL A 335 8.09 14.93 16.59
CA VAL A 335 8.71 15.15 17.90
C VAL A 335 10.18 15.51 17.78
N THR A 336 10.82 15.22 16.64
CA THR A 336 12.20 15.69 16.44
C THR A 336 12.32 17.20 16.59
N GLY A 337 11.22 17.94 16.40
CA GLY A 337 11.25 19.38 16.45
C GLY A 337 11.72 20.06 15.19
N ALA A 338 11.98 19.30 14.13
CA ALA A 338 12.52 19.87 12.90
C ALA A 338 11.53 19.82 11.74
N ALA A 339 10.35 19.25 11.94
CA ALA A 339 9.33 19.23 10.89
C ALA A 339 8.78 20.64 10.75
N ASP A 340 9.06 21.29 9.62
CA ASP A 340 8.55 22.64 9.40
C ASP A 340 7.14 22.65 8.80
N ALA A 341 6.77 21.60 8.07
CA ALA A 341 5.41 21.44 7.57
C ALA A 341 5.15 19.98 7.24
N ILE A 342 3.92 19.55 7.49
CA ILE A 342 3.39 18.28 7.00
C ILE A 342 2.35 18.62 5.93
N VAL A 343 2.53 18.07 4.74
CA VAL A 343 1.61 18.29 3.64
C VAL A 343 0.88 16.97 3.41
N ALA A 344 -0.37 16.91 3.87
CA ALA A 344 -1.17 15.69 3.88
C ALA A 344 -2.26 15.74 2.82
N ASP A 345 -2.58 14.57 2.27
CA ASP A 345 -3.73 14.47 1.38
C ASP A 345 -4.77 13.51 1.98
N TYR A 346 -4.65 12.18 1.76
CA TYR A 346 -5.65 11.28 2.31
C TYR A 346 -5.09 9.89 2.59
N GLN A 347 -5.68 9.22 3.59
CA GLN A 347 -5.52 7.82 3.94
C GLN A 347 -4.31 7.59 4.83
N CYS A 348 -4.55 6.93 5.98
CA CYS A 348 -3.54 6.53 6.96
C CYS A 348 -2.83 7.73 7.62
N ILE A 349 -3.43 8.91 7.53
CA ILE A 349 -2.89 10.10 8.18
C ILE A 349 -3.57 10.22 9.55
N MET A 350 -2.83 9.92 10.62
CA MET A 350 -3.45 9.86 11.94
C MET A 350 -3.86 11.26 12.40
N PRO A 351 -5.11 11.46 12.81
CA PRO A 351 -5.53 12.78 13.29
C PRO A 351 -4.74 13.27 14.48
N SER A 352 -4.07 12.39 15.22
CA SER A 352 -3.22 12.82 16.33
C SER A 352 -2.12 13.78 15.87
N LEU A 353 -1.67 13.65 14.61
CA LEU A 353 -0.60 14.49 14.11
C LEU A 353 -0.93 15.98 14.24
N VAL A 354 -2.20 16.35 14.07
CA VAL A 354 -2.58 17.76 14.17
C VAL A 354 -2.34 18.30 15.57
N GLN A 355 -2.64 17.49 16.60
CA GLN A 355 -2.38 17.91 17.98
C GLN A 355 -0.90 17.93 18.28
N ILE A 356 -0.14 16.93 17.83
CA ILE A 356 1.29 16.91 18.10
C ILE A 356 1.97 18.06 17.38
N ALA A 357 1.51 18.38 16.16
CA ALA A 357 2.04 19.53 15.42
C ALA A 357 1.80 20.83 16.18
N ALA A 358 0.69 20.93 16.91
CA ALA A 358 0.38 22.14 17.67
C ALA A 358 1.32 22.32 18.86
N CYS A 359 1.95 21.25 19.34
CA CYS A 359 2.97 21.36 20.37
C CYS A 359 4.26 21.99 19.84
N TYR A 360 4.41 22.12 18.52
CA TYR A 360 5.61 22.68 17.91
C TYR A 360 5.27 23.84 16.97
N HIS A 361 6.25 24.27 16.17
CA HIS A 361 6.07 25.29 15.15
C HIS A 361 5.45 24.73 13.87
N THR A 362 5.23 23.43 13.80
CA THR A 362 4.97 22.75 12.54
C THR A 362 3.61 23.13 11.95
N ARG A 363 3.61 23.45 10.65
CA ARG A 363 2.36 23.65 9.91
C ARG A 363 1.81 22.31 9.44
N PHE A 364 0.54 22.05 9.74
CA PHE A 364 -0.15 20.86 9.24
C PHE A 364 -1.09 21.31 8.13
N VAL A 365 -0.75 20.97 6.89
CA VAL A 365 -1.47 21.44 5.71
C VAL A 365 -2.20 20.27 5.05
N THR A 366 -3.53 20.37 4.95
CA THR A 366 -4.36 19.46 4.17
C THR A 366 -4.60 20.03 2.80
N THR A 367 -4.65 19.16 1.79
CA THR A 367 -4.78 19.56 0.39
C THR A 367 -5.95 18.91 -0.33
N SER A 368 -6.66 17.97 0.30
CA SER A 368 -7.73 17.24 -0.36
C SER A 368 -9.08 17.61 0.25
N PRO A 369 -10.11 17.79 -0.58
CA PRO A 369 -11.47 17.94 -0.02
C PRO A 369 -11.98 16.65 0.64
N LYS A 370 -11.34 15.51 0.36
CA LYS A 370 -11.66 14.26 1.04
C LYS A 370 -10.89 14.07 2.33
N GLY A 371 -9.73 14.71 2.48
CA GLY A 371 -8.95 14.56 3.70
C GLY A 371 -9.00 15.80 4.57
N ARG A 372 -10.14 16.04 5.22
CA ARG A 372 -10.30 17.19 6.08
C ARG A 372 -9.98 16.81 7.53
N PHE A 373 -9.23 17.68 8.22
CA PHE A 373 -8.83 17.47 9.61
C PHE A 373 -9.19 18.71 10.40
N THR A 374 -9.97 18.55 11.46
CA THR A 374 -10.39 19.69 12.27
C THR A 374 -9.17 20.40 12.83
N GLY A 375 -9.00 21.68 12.48
CA GLY A 375 -7.90 22.48 12.98
C GLY A 375 -6.70 22.63 12.07
N ALA A 376 -6.75 22.07 10.87
CA ALA A 376 -5.63 22.14 9.94
C ALA A 376 -5.73 23.38 9.05
N THR A 377 -4.58 23.77 8.50
CA THR A 377 -4.49 24.78 7.45
C THR A 377 -4.88 24.12 6.13
N HIS A 378 -6.08 24.41 5.64
CA HIS A 378 -6.55 23.81 4.40
C HIS A 378 -6.14 24.70 3.22
N VAL A 379 -5.30 24.17 2.34
CA VAL A 379 -4.94 24.81 1.08
C VAL A 379 -5.24 23.78 0.00
N GLU A 380 -6.43 23.85 -0.59
CA GLU A 380 -6.91 22.78 -1.45
C GLU A 380 -6.19 22.81 -2.80
N VAL A 381 -5.67 21.65 -3.20
CA VAL A 381 -4.85 21.50 -4.40
C VAL A 381 -5.68 20.76 -5.45
N HIS A 382 -5.71 21.29 -6.65
CA HIS A 382 -6.33 20.65 -7.80
C HIS A 382 -5.41 20.83 -9.00
N PRO A 383 -5.51 19.95 -9.99
CA PRO A 383 -4.59 20.05 -11.15
C PRO A 383 -4.55 21.43 -11.78
N HIS A 384 -5.69 22.13 -11.84
CA HIS A 384 -5.73 23.44 -12.49
C HIS A 384 -4.95 24.49 -11.72
N ASN A 385 -4.87 24.37 -10.38
CA ASN A 385 -4.21 25.36 -9.55
C ASN A 385 -3.07 24.80 -8.71
N ALA A 386 -2.64 23.56 -8.98
CA ALA A 386 -1.63 22.92 -8.13
C ALA A 386 -0.30 23.67 -8.15
N GLN A 387 0.16 24.07 -9.33
CA GLN A 387 1.45 24.75 -9.45
C GLN A 387 1.45 26.06 -8.67
N GLU A 388 0.30 26.70 -8.54
CA GLU A 388 0.18 27.97 -7.81
C GLU A 388 -0.02 27.73 -6.31
N ARG A 389 -0.79 26.69 -5.96
CA ARG A 389 -1.08 26.41 -4.56
C ARG A 389 0.08 25.73 -3.84
N CYS A 390 0.79 24.83 -4.54
CA CYS A 390 1.92 24.16 -3.89
C CYS A 390 3.04 25.14 -3.60
N ARG A 391 3.22 26.17 -4.44
CA ARG A 391 4.18 27.23 -4.14
C ARG A 391 3.76 28.00 -2.88
N GLU A 392 2.48 28.34 -2.76
CA GLU A 392 1.99 28.97 -1.54
C GLU A 392 2.23 28.06 -0.34
N ILE A 393 2.09 26.75 -0.53
CA ILE A 393 2.29 25.81 0.57
C ILE A 393 3.74 25.82 1.04
N VAL A 394 4.69 25.73 0.10
CA VAL A 394 6.10 25.79 0.47
C VAL A 394 6.45 27.12 1.11
N MET A 395 5.78 28.21 0.70
CA MET A 395 6.00 29.50 1.36
C MET A 395 5.53 29.45 2.81
N LEU A 396 4.46 28.70 3.08
CA LEU A 396 4.03 28.51 4.46
C LEU A 396 5.11 27.78 5.27
N ALA A 397 5.74 26.78 4.65
CA ALA A 397 6.78 26.01 5.34
C ALA A 397 7.98 26.89 5.69
N ILE A 398 8.36 27.79 4.77
CA ILE A 398 9.53 28.64 5.03
C ILE A 398 9.25 29.62 6.15
N ASP A 399 8.01 30.10 6.25
CA ASP A 399 7.64 30.92 7.39
C ASP A 399 7.70 30.12 8.68
N ALA A 400 7.17 28.89 8.67
CA ALA A 400 7.22 28.08 9.87
C ALA A 400 8.65 27.74 10.24
N TYR A 401 9.54 27.60 9.25
CA TYR A 401 10.95 27.38 9.52
C TYR A 401 11.52 28.51 10.38
N THR A 402 11.22 29.76 10.02
CA THR A 402 11.74 30.89 10.78
C THR A 402 11.29 30.86 12.24
N ARG A 403 10.18 30.18 12.54
CA ARG A 403 9.65 30.10 13.90
C ARG A 403 10.04 28.81 14.61
N ARG A 404 11.05 28.10 14.11
CA ARG A 404 11.47 26.84 14.72
C ARG A 404 12.26 27.11 16.00
N ASP A 405 12.05 26.25 17.01
CA ASP A 405 12.75 26.37 18.29
C ASP A 405 14.00 25.50 18.24
N PRO A 406 15.20 26.08 18.30
CA PRO A 406 16.42 25.23 18.27
C PRO A 406 16.59 24.40 19.54
N ALA A 407 16.06 24.85 20.68
CA ALA A 407 16.21 24.13 21.94
C ALA A 407 15.42 22.83 21.98
N ARG A 408 14.50 22.60 21.05
CA ARG A 408 13.68 21.39 21.04
C ARG A 408 13.91 20.55 19.79
N VAL A 409 15.03 20.73 19.10
CA VAL A 409 15.36 19.94 17.91
C VAL A 409 16.28 18.79 18.32
N ASP A 410 15.92 17.58 17.92
CA ASP A 410 16.79 16.42 18.12
C ASP A 410 16.53 15.42 16.99
N ILE A 411 17.37 15.49 15.96
CA ILE A 411 17.35 14.52 14.87
C ILE A 411 18.18 13.33 15.31
N PRO A 412 17.55 12.18 15.60
CA PRO A 412 18.21 11.17 16.42
C PRO A 412 19.15 10.24 15.68
N SER A 413 19.05 10.11 14.36
CA SER A 413 19.79 9.06 13.67
C SER A 413 20.63 9.65 12.54
N GLN A 414 21.41 8.76 11.89
CA GLN A 414 22.06 8.95 10.61
C GLN A 414 21.29 8.16 9.55
N PRO A 415 21.01 8.72 8.38
CA PRO A 415 20.18 8.00 7.41
C PRO A 415 20.85 6.74 6.93
N VAL A 416 20.06 5.85 6.33
CA VAL A 416 20.53 4.54 5.87
C VAL A 416 20.36 4.47 4.35
N SER A 417 21.38 4.01 3.65
CA SER A 417 21.32 3.94 2.19
C SER A 417 20.38 2.83 1.72
N ILE A 418 19.64 3.11 0.65
CA ILE A 418 18.69 2.16 0.08
C ILE A 418 18.74 2.28 -1.43
N MET A 419 18.34 1.21 -2.09
CA MET A 419 18.03 1.23 -3.51
C MET A 419 16.53 1.03 -3.67
N SER A 420 15.92 1.83 -4.54
CA SER A 420 14.48 1.77 -4.79
C SER A 420 14.26 1.79 -6.29
N GLY A 421 12.98 1.77 -6.70
CA GLY A 421 12.61 1.97 -8.08
C GLY A 421 12.40 0.73 -8.92
N PHE A 422 12.04 -0.40 -8.33
CA PHE A 422 11.85 -1.64 -9.07
C PHE A 422 10.40 -1.79 -9.57
N SER A 423 10.06 -0.98 -10.56
CA SER A 423 8.85 -1.24 -11.33
C SER A 423 9.04 -2.54 -12.10
N ASN A 424 7.95 -3.11 -12.63
CA ASN A 424 8.13 -4.29 -13.47
C ASN A 424 8.96 -3.96 -14.70
N GLU A 425 8.78 -2.75 -15.24
CA GLU A 425 9.58 -2.32 -16.39
C GLU A 425 11.07 -2.36 -16.07
N ALA A 426 11.45 -2.01 -14.83
CA ALA A 426 12.86 -2.05 -14.44
C ALA A 426 13.33 -3.46 -14.20
N ILE A 427 12.49 -4.30 -13.60
CA ILE A 427 12.85 -5.70 -13.38
C ILE A 427 13.12 -6.38 -14.73
N LEU A 428 12.18 -6.22 -15.67
CA LEU A 428 12.36 -6.81 -16.98
C LEU A 428 13.55 -6.21 -17.71
N GLU A 429 13.79 -4.91 -17.50
CA GLU A 429 14.99 -4.29 -18.03
C GLU A 429 16.27 -4.96 -17.49
N ALA A 430 16.36 -5.12 -16.17
CA ALA A 430 17.52 -5.76 -15.58
C ALA A 430 17.71 -7.19 -16.08
N LEU A 431 16.64 -7.87 -16.45
CA LEU A 431 16.73 -9.19 -17.02
C LEU A 431 16.91 -9.18 -18.55
N GLY A 432 17.20 -8.02 -19.13
CA GLY A 432 17.37 -7.95 -20.57
C GLY A 432 16.10 -8.12 -21.38
N GLY A 433 14.98 -7.56 -20.92
CA GLY A 433 13.78 -7.51 -21.74
C GLY A 433 12.91 -8.74 -21.71
N THR A 434 13.36 -9.85 -21.15
CA THR A 434 12.56 -11.05 -21.06
C THR A 434 12.52 -11.54 -19.62
N PRO A 435 11.43 -12.20 -19.22
CA PRO A 435 11.42 -12.91 -17.93
C PRO A 435 12.19 -14.22 -17.96
N LYS A 436 12.70 -14.61 -19.13
CA LYS A 436 13.41 -15.88 -19.27
C LYS A 436 14.51 -16.07 -18.23
N PRO A 437 15.45 -15.14 -18.03
CA PRO A 437 16.46 -15.36 -16.98
C PRO A 437 15.86 -15.51 -15.58
N LEU A 438 14.77 -14.81 -15.31
CA LEU A 438 14.08 -14.99 -14.03
C LEU A 438 13.56 -16.41 -13.90
N ILE A 439 12.81 -16.88 -14.90
CA ILE A 439 12.25 -18.22 -14.84
C ILE A 439 13.36 -19.26 -14.79
N ASP A 440 14.46 -19.01 -15.50
CA ASP A 440 15.59 -19.93 -15.47
C ASP A 440 16.16 -20.07 -14.06
N ALA A 441 16.21 -18.97 -13.31
CA ALA A 441 16.75 -19.04 -11.95
C ALA A 441 15.82 -19.81 -11.02
N VAL A 442 14.51 -19.71 -11.25
CA VAL A 442 13.56 -20.42 -10.42
C VAL A 442 13.56 -21.91 -10.72
N VAL A 443 13.63 -22.28 -12.00
CA VAL A 443 13.76 -23.70 -12.35
C VAL A 443 15.05 -24.29 -11.77
N ALA A 444 16.16 -23.56 -11.91
CA ALA A 444 17.42 -24.07 -11.38
C ALA A 444 17.45 -24.14 -9.86
N GLY A 445 16.45 -23.57 -9.18
CA GLY A 445 16.47 -23.57 -7.74
C GLY A 445 17.29 -22.48 -7.10
N GLN A 446 17.76 -21.50 -7.87
CA GLN A 446 18.52 -20.41 -7.28
C GLN A 446 17.60 -19.48 -6.53
N ILE A 447 16.49 -19.10 -7.17
CA ILE A 447 15.38 -18.45 -6.48
C ILE A 447 14.30 -19.51 -6.32
N ARG A 448 14.06 -19.93 -5.08
CA ARG A 448 13.04 -20.93 -4.83
C ARG A 448 11.64 -20.35 -5.02
N GLY A 449 11.45 -19.09 -4.66
CA GLY A 449 10.16 -18.45 -4.90
C GLY A 449 10.25 -16.98 -4.56
N PHE A 450 9.09 -16.33 -4.55
CA PHE A 450 8.97 -14.91 -4.26
C PHE A 450 7.86 -14.67 -3.26
N VAL A 451 8.09 -13.75 -2.33
CA VAL A 451 7.07 -13.32 -1.39
C VAL A 451 6.99 -11.81 -1.40
N GLY A 452 5.78 -11.28 -1.62
CA GLY A 452 5.54 -9.87 -1.46
C GLY A 452 5.21 -9.58 -0.02
N ILE A 453 6.08 -8.85 0.66
CA ILE A 453 5.83 -8.47 2.05
C ILE A 453 5.35 -7.03 2.02
N VAL A 454 4.10 -6.85 2.41
CA VAL A 454 3.39 -5.60 2.27
C VAL A 454 2.75 -5.27 3.62
N GLY A 455 2.04 -4.16 3.67
CA GLY A 455 1.32 -3.85 4.89
C GLY A 455 2.10 -3.02 5.89
N CYS A 456 1.38 -2.66 6.95
CA CYS A 456 1.64 -1.46 7.72
C CYS A 456 2.54 -1.75 8.92
N ASN A 457 2.46 -0.92 9.96
CA ASN A 457 2.80 -1.23 11.33
C ASN A 457 1.52 -1.31 12.14
N ASN A 458 1.60 -1.95 13.30
CA ASN A 458 0.46 -2.06 14.19
C ASN A 458 0.98 -2.07 15.61
N PRO A 459 0.59 -1.12 16.44
CA PRO A 459 1.18 -1.01 17.78
C PRO A 459 0.97 -2.22 18.67
N LYS A 460 0.18 -3.19 18.21
CA LYS A 460 0.08 -4.48 18.91
C LYS A 460 1.31 -5.36 18.69
N ILE A 461 2.18 -4.98 17.74
CA ILE A 461 3.39 -5.71 17.43
C ILE A 461 4.55 -4.73 17.54
N ARG A 462 5.55 -5.10 18.34
CA ARG A 462 6.80 -4.35 18.38
C ARG A 462 7.19 -3.93 16.97
N GLN A 463 7.28 -2.62 16.74
CA GLN A 463 7.31 -2.08 15.37
C GLN A 463 8.42 -2.72 14.54
N ASP A 464 8.03 -3.25 13.38
CA ASP A 464 8.90 -3.84 12.36
C ASP A 464 9.68 -5.08 12.83
N SER A 465 9.46 -5.56 14.07
CA SER A 465 10.12 -6.80 14.47
C SER A 465 9.75 -7.93 13.52
N ALA A 466 8.44 -8.09 13.27
CA ALA A 466 7.99 -9.19 12.42
C ALA A 466 8.30 -8.93 10.96
N ASN A 467 8.12 -7.69 10.50
CA ASN A 467 8.44 -7.36 9.11
C ASN A 467 9.88 -7.73 8.79
N VAL A 468 10.83 -7.27 9.61
CA VAL A 468 12.24 -7.49 9.32
C VAL A 468 12.63 -8.94 9.59
N THR A 469 12.18 -9.51 10.70
CA THR A 469 12.50 -10.90 10.95
C THR A 469 11.99 -11.80 9.83
N LEU A 470 10.78 -11.56 9.32
CA LEU A 470 10.31 -12.41 8.24
C LEU A 470 11.15 -12.23 6.97
N THR A 471 11.58 -10.99 6.70
CA THR A 471 12.37 -10.71 5.51
C THR A 471 13.71 -11.43 5.55
N ARG A 472 14.41 -11.37 6.68
CA ARG A 472 15.70 -12.03 6.79
C ARG A 472 15.58 -13.54 6.62
N GLU A 473 14.53 -14.13 7.22
CA GLU A 473 14.31 -15.57 7.07
C GLU A 473 14.07 -15.93 5.62
N LEU A 474 13.24 -15.16 4.91
CA LEU A 474 12.90 -15.55 3.55
C LEU A 474 14.13 -15.49 2.64
N ILE A 475 14.90 -14.41 2.71
CA ILE A 475 16.03 -14.31 1.80
C ILE A 475 17.10 -15.33 2.15
N ARG A 476 17.24 -15.70 3.43
CA ARG A 476 18.15 -16.77 3.79
C ARG A 476 17.72 -18.09 3.16
N ARG A 477 16.43 -18.28 2.96
CA ARG A 477 15.91 -19.50 2.36
C ARG A 477 15.88 -19.44 0.84
N ASP A 478 16.58 -18.48 0.22
CA ASP A 478 16.58 -18.27 -1.23
C ASP A 478 15.21 -17.87 -1.75
N ILE A 479 14.41 -17.19 -0.95
CA ILE A 479 13.13 -16.65 -1.39
C ILE A 479 13.30 -15.15 -1.55
N MET A 480 13.16 -14.65 -2.77
CA MET A 480 13.30 -13.22 -2.98
C MET A 480 12.06 -12.48 -2.46
N VAL A 481 12.27 -11.29 -1.90
CA VAL A 481 11.18 -10.53 -1.28
C VAL A 481 10.89 -9.29 -2.11
N LEU A 482 9.60 -9.03 -2.35
CA LEU A 482 9.15 -7.81 -2.99
C LEU A 482 8.46 -6.95 -1.94
N ALA A 483 9.03 -5.79 -1.67
CA ALA A 483 8.62 -4.94 -0.56
C ALA A 483 7.80 -3.74 -1.05
N THR A 484 6.68 -3.49 -0.38
CA THR A 484 5.86 -2.30 -0.62
C THR A 484 5.37 -1.74 0.71
N GLY A 485 4.91 -0.49 0.67
CA GLY A 485 4.23 0.07 1.84
C GLY A 485 5.19 0.33 2.99
N CYS A 486 4.72 0.05 4.21
CA CYS A 486 5.55 0.28 5.40
C CYS A 486 6.76 -0.64 5.47
N VAL A 487 6.68 -1.82 4.85
CA VAL A 487 7.83 -2.73 4.87
C VAL A 487 9.04 -2.08 4.23
N THR A 488 8.80 -1.15 3.28
CA THR A 488 9.89 -0.44 2.63
C THR A 488 10.80 0.21 3.65
N THR A 489 10.23 0.96 4.58
CA THR A 489 11.05 1.58 5.61
C THR A 489 11.69 0.52 6.51
N ALA A 490 10.95 -0.54 6.83
CA ALA A 490 11.48 -1.59 7.70
C ALA A 490 12.71 -2.26 7.08
N ALA A 491 12.62 -2.70 5.83
CA ALA A 491 13.74 -3.38 5.20
C ALA A 491 14.88 -2.42 4.87
N GLY A 492 14.55 -1.16 4.58
CA GLY A 492 15.61 -0.18 4.34
C GLY A 492 16.40 0.11 5.59
N LYS A 493 15.72 0.31 6.73
CA LYS A 493 16.43 0.59 7.97
C LYS A 493 17.28 -0.60 8.39
N ALA A 494 16.83 -1.82 8.08
CA ALA A 494 17.60 -3.03 8.32
C ALA A 494 18.83 -3.18 7.43
N GLY A 495 18.98 -2.35 6.40
CA GLY A 495 20.10 -2.51 5.49
C GLY A 495 19.90 -3.56 4.41
N LEU A 496 18.67 -3.95 4.14
CA LEU A 496 18.41 -5.04 3.20
C LEU A 496 18.01 -4.56 1.82
N LEU A 497 18.02 -3.25 1.56
CA LEU A 497 17.59 -2.71 0.28
C LEU A 497 18.75 -2.26 -0.59
N VAL A 498 19.95 -2.78 -0.36
CA VAL A 498 21.13 -2.47 -1.17
C VAL A 498 21.68 -3.77 -1.73
N PRO A 499 22.42 -3.70 -2.84
CA PRO A 499 23.00 -4.95 -3.39
C PRO A 499 23.96 -5.65 -2.44
N GLU A 500 24.60 -4.92 -1.53
CA GLU A 500 25.50 -5.56 -0.57
C GLU A 500 24.77 -6.56 0.31
N ALA A 501 23.46 -6.36 0.52
CA ALA A 501 22.67 -7.29 1.33
C ALA A 501 22.59 -8.69 0.73
N ALA A 502 23.08 -8.90 -0.50
CA ALA A 502 23.20 -10.25 -1.03
C ALA A 502 23.91 -11.18 -0.05
N SER A 503 24.84 -10.65 0.76
CA SER A 503 25.54 -11.48 1.73
C SER A 503 24.63 -12.03 2.81
N LYS A 504 23.43 -11.47 2.98
CA LYS A 504 22.45 -11.98 3.93
C LYS A 504 21.51 -13.01 3.32
N ALA A 505 21.55 -13.21 2.00
CA ALA A 505 20.71 -14.17 1.32
C ALA A 505 21.42 -15.51 1.22
N GLY A 506 20.65 -16.59 1.09
CA GLY A 506 21.24 -17.89 0.81
C GLY A 506 22.01 -17.89 -0.50
N GLU A 507 22.79 -18.95 -0.70
CA GLU A 507 23.78 -18.97 -1.78
C GLU A 507 23.15 -18.74 -3.14
N GLY A 508 21.98 -19.32 -3.39
CA GLY A 508 21.38 -19.21 -4.71
C GLY A 508 20.87 -17.82 -5.01
N LEU A 509 20.14 -17.23 -4.06
CA LEU A 509 19.64 -15.88 -4.25
C LEU A 509 20.78 -14.87 -4.31
N ALA A 510 21.78 -15.04 -3.44
CA ALA A 510 22.91 -14.11 -3.45
C ALA A 510 23.59 -14.08 -4.82
N ALA A 511 23.74 -15.24 -5.45
CA ALA A 511 24.42 -15.30 -6.74
C ALA A 511 23.58 -14.66 -7.84
N VAL A 512 22.26 -14.84 -7.78
CA VAL A 512 21.39 -14.12 -8.72
C VAL A 512 21.49 -12.63 -8.48
N CYS A 513 21.44 -12.22 -7.21
CA CYS A 513 21.43 -10.81 -6.85
C CYS A 513 22.70 -10.10 -7.31
N ARG A 514 23.87 -10.75 -7.15
CA ARG A 514 25.11 -10.09 -7.52
C ARG A 514 25.32 -10.07 -9.04
N SER A 515 24.78 -11.06 -9.76
CA SER A 515 24.89 -11.03 -11.22
C SER A 515 24.06 -9.93 -11.83
N LEU A 516 22.97 -9.51 -11.17
CA LEU A 516 22.16 -8.41 -11.65
C LEU A 516 22.54 -7.08 -11.01
N GLY A 517 23.37 -7.10 -9.96
CA GLY A 517 23.60 -5.92 -9.13
C GLY A 517 22.33 -5.37 -8.50
N VAL A 518 21.43 -6.23 -8.04
CA VAL A 518 20.20 -5.79 -7.38
C VAL A 518 20.23 -6.28 -5.94
N PRO A 519 19.43 -5.68 -5.06
CA PRO A 519 19.27 -6.22 -3.70
C PRO A 519 18.44 -7.48 -3.69
N PRO A 520 18.48 -8.26 -2.59
CA PRO A 520 17.58 -9.41 -2.46
C PRO A 520 16.16 -9.04 -2.08
N VAL A 521 15.93 -7.81 -1.67
CA VAL A 521 14.60 -7.26 -1.42
C VAL A 521 14.40 -6.12 -2.41
N LEU A 522 13.38 -6.23 -3.26
CA LEU A 522 13.12 -5.23 -4.29
C LEU A 522 11.98 -4.32 -3.83
N HIS A 523 12.27 -3.03 -3.70
CA HIS A 523 11.21 -2.07 -3.38
C HIS A 523 10.35 -1.84 -4.61
N MET A 524 9.07 -2.19 -4.52
CA MET A 524 8.19 -2.03 -5.68
C MET A 524 7.13 -0.95 -5.50
N GLY A 525 7.15 -0.22 -4.39
CA GLY A 525 6.41 1.03 -4.30
C GLY A 525 5.48 1.07 -3.11
N SER A 526 4.41 1.86 -3.27
CA SER A 526 3.40 2.10 -2.24
C SER A 526 2.40 0.95 -2.17
N CYS A 527 1.42 1.10 -1.27
CA CYS A 527 0.41 0.07 -1.14
C CYS A 527 -0.40 -0.08 -2.43
N VAL A 528 -0.55 0.99 -3.21
CA VAL A 528 -1.29 0.86 -4.46
CA VAL A 528 -1.29 0.86 -4.46
C VAL A 528 -0.48 0.07 -5.47
N ASP A 529 0.86 0.19 -5.42
CA ASP A 529 1.76 -0.52 -6.31
C ASP A 529 1.81 -2.02 -6.05
N ASN A 530 1.09 -2.54 -5.05
CA ASN A 530 0.87 -3.98 -5.04
C ASN A 530 0.23 -4.48 -6.33
N SER A 531 -0.43 -3.61 -7.10
CA SER A 531 -0.87 -4.01 -8.42
C SER A 531 0.30 -4.41 -9.32
N ARG A 532 1.49 -3.83 -9.11
CA ARG A 532 2.67 -4.30 -9.85
C ARG A 532 2.91 -5.78 -9.59
N ILE A 533 2.66 -6.24 -8.37
CA ILE A 533 2.91 -7.64 -8.05
C ILE A 533 1.89 -8.54 -8.74
N LEU A 534 0.61 -8.12 -8.75
CA LEU A 534 -0.38 -8.83 -9.55
C LEU A 534 0.08 -8.92 -11.01
N GLN A 535 0.51 -7.80 -11.58
CA GLN A 535 0.91 -7.78 -12.98
C GLN A 535 2.06 -8.76 -13.22
N LEU A 536 3.02 -8.81 -12.30
CA LEU A 536 4.19 -9.67 -12.51
C LEU A 536 3.77 -11.14 -12.43
N CYS A 537 3.01 -11.49 -11.39
CA CYS A 537 2.51 -12.86 -11.28
C CYS A 537 1.75 -13.27 -12.53
N ALA A 538 0.85 -12.41 -13.00
CA ALA A 538 0.06 -12.74 -14.17
C ALA A 538 0.94 -12.91 -15.40
N LEU A 539 1.95 -12.06 -15.56
CA LEU A 539 2.87 -12.19 -16.68
C LEU A 539 3.60 -13.53 -16.65
N LEU A 540 4.10 -13.92 -15.49
CA LEU A 540 4.82 -15.19 -15.42
C LEU A 540 3.87 -16.37 -15.62
N ALA A 541 2.66 -16.28 -15.06
CA ALA A 541 1.68 -17.34 -15.24
C ALA A 541 1.29 -17.46 -16.71
N THR A 542 1.00 -16.32 -17.34
CA THR A 542 0.70 -16.34 -18.76
C THR A 542 1.89 -16.87 -19.56
N THR A 543 3.11 -16.44 -19.22
CA THR A 543 4.29 -16.88 -19.97
C THR A 543 4.45 -18.40 -19.90
N LEU A 544 4.22 -18.99 -18.74
CA LEU A 544 4.42 -20.42 -18.54
C LEU A 544 3.19 -21.26 -18.89
N GLY A 545 2.05 -20.62 -19.14
CA GLY A 545 0.84 -21.36 -19.46
C GLY A 545 0.08 -21.93 -18.28
N VAL A 546 0.23 -21.37 -17.08
CA VAL A 546 -0.35 -21.92 -15.87
C VAL A 546 -1.11 -20.81 -15.13
N ASP A 547 -1.74 -21.19 -14.03
CA ASP A 547 -2.51 -20.26 -13.23
C ASP A 547 -1.58 -19.56 -12.23
N ILE A 548 -2.05 -18.44 -11.68
CA ILE A 548 -1.24 -17.76 -10.66
C ILE A 548 -1.07 -18.65 -9.45
N SER A 549 -2.04 -19.50 -9.17
CA SER A 549 -2.03 -20.42 -8.04
C SER A 549 -1.13 -21.63 -8.28
N ASP A 550 -0.44 -21.71 -9.43
CA ASP A 550 0.64 -22.67 -9.65
C ASP A 550 2.03 -22.06 -9.42
N LEU A 551 2.15 -20.74 -9.31
CA LEU A 551 3.46 -20.10 -9.18
C LEU A 551 4.05 -20.30 -7.79
N PRO A 552 5.38 -20.40 -7.68
CA PRO A 552 5.98 -20.41 -6.33
C PRO A 552 6.04 -19.00 -5.75
N VAL A 553 4.88 -18.55 -5.24
CA VAL A 553 4.70 -17.19 -4.74
C VAL A 553 3.95 -17.22 -3.41
N GLY A 554 4.03 -16.08 -2.71
CA GLY A 554 3.30 -15.85 -1.48
C GLY A 554 3.20 -14.36 -1.21
N ALA A 555 2.29 -14.01 -0.30
CA ALA A 555 2.18 -12.64 0.19
C ALA A 555 2.13 -12.70 1.70
N SER A 556 2.52 -11.59 2.33
CA SER A 556 2.53 -11.53 3.79
C SER A 556 2.32 -10.09 4.25
N SER A 557 1.50 -9.94 5.29
CA SER A 557 1.31 -8.67 5.99
C SER A 557 1.53 -8.96 7.47
N PRO A 558 2.78 -8.96 7.95
CA PRO A 558 3.00 -9.35 9.35
C PRO A 558 2.45 -8.34 10.35
N GLU A 559 2.31 -7.07 9.99
CA GLU A 559 1.94 -6.07 10.98
C GLU A 559 0.83 -5.15 10.46
N TRP A 560 -0.12 -5.67 9.72
CA TRP A 560 -1.11 -4.81 9.08
C TRP A 560 -2.04 -4.16 10.12
N TYR A 561 -2.69 -3.08 9.71
CA TYR A 561 -3.75 -2.50 10.52
C TYR A 561 -4.96 -2.04 9.72
N SER A 562 -4.82 -1.66 8.45
CA SER A 562 -5.86 -0.89 7.77
C SER A 562 -6.79 -1.77 6.95
N GLU A 563 -7.93 -1.17 6.59
CA GLU A 563 -8.83 -1.82 5.63
C GLU A 563 -8.15 -1.97 4.28
N LYS A 564 -7.39 -0.96 3.87
CA LYS A 564 -6.63 -1.06 2.61
C LYS A 564 -5.76 -2.32 2.57
N ALA A 565 -5.10 -2.64 3.69
CA ALA A 565 -4.22 -3.81 3.67
C ALA A 565 -5.04 -5.09 3.60
N ALA A 566 -6.20 -5.11 4.28
CA ALA A 566 -7.05 -6.30 4.23
C ALA A 566 -7.59 -6.53 2.83
N ALA A 567 -7.96 -5.46 2.12
CA ALA A 567 -8.35 -5.60 0.72
C ALA A 567 -7.20 -6.15 -0.13
N ILE A 568 -5.98 -5.63 0.07
CA ILE A 568 -4.82 -6.18 -0.64
C ILE A 568 -4.68 -7.66 -0.34
N ALA A 569 -4.78 -8.04 0.94
CA ALA A 569 -4.66 -9.46 1.27
C ALA A 569 -5.74 -10.27 0.59
N MET A 570 -6.97 -9.72 0.53
CA MET A 570 -8.07 -10.45 -0.09
C MET A 570 -7.86 -10.61 -1.59
N TYR A 571 -7.40 -9.56 -2.30
CA TYR A 571 -7.26 -9.75 -3.73
C TYR A 571 -6.06 -10.61 -4.08
N ALA A 572 -5.05 -10.65 -3.21
CA ALA A 572 -3.96 -11.63 -3.37
C ALA A 572 -4.52 -13.06 -3.29
N VAL A 573 -5.27 -13.37 -2.24
CA VAL A 573 -5.80 -14.72 -2.08
C VAL A 573 -6.69 -15.08 -3.25
N ALA A 574 -7.66 -14.22 -3.56
CA ALA A 574 -8.58 -14.48 -4.65
C ALA A 574 -7.85 -14.61 -5.98
N SER A 575 -6.68 -13.98 -6.11
CA SER A 575 -5.91 -14.11 -7.33
C SER A 575 -5.02 -15.36 -7.34
N GLY A 576 -5.01 -16.16 -6.27
CA GLY A 576 -4.24 -17.39 -6.26
C GLY A 576 -2.95 -17.37 -5.46
N ILE A 577 -2.70 -16.33 -4.68
CA ILE A 577 -1.44 -16.16 -3.96
C ILE A 577 -1.67 -16.50 -2.49
N PRO A 578 -1.01 -17.52 -1.92
CA PRO A 578 -1.07 -17.72 -0.45
C PRO A 578 -0.68 -16.44 0.29
N THR A 579 -1.47 -16.09 1.32
CA THR A 579 -1.30 -14.80 1.98
C THR A 579 -1.26 -14.95 3.51
N HIS A 580 -0.10 -14.63 4.09
CA HIS A 580 0.09 -14.67 5.52
C HIS A 580 -0.31 -13.34 6.15
N LEU A 581 -0.97 -13.41 7.29
CA LEU A 581 -1.31 -12.23 8.09
C LEU A 581 -0.77 -12.44 9.48
N GLY A 582 -0.09 -11.43 10.02
CA GLY A 582 0.40 -11.52 11.39
C GLY A 582 -0.72 -11.50 12.41
N LEU A 583 -1.81 -10.81 12.12
CA LEU A 583 -2.93 -10.65 13.04
C LEU A 583 -4.23 -11.01 12.32
N PRO A 584 -5.21 -11.55 13.04
CA PRO A 584 -6.48 -11.88 12.41
C PRO A 584 -7.35 -10.65 12.26
N PRO A 585 -8.12 -10.55 11.18
CA PRO A 585 -9.22 -9.60 11.14
C PRO A 585 -10.29 -10.02 12.15
N ASN A 586 -11.24 -9.12 12.38
CA ASN A 586 -12.22 -9.32 13.46
C ASN A 586 -13.31 -10.31 13.01
N ILE A 587 -12.93 -11.59 12.93
CA ILE A 587 -13.81 -12.62 12.40
C ILE A 587 -13.86 -13.89 13.25
N LEU A 588 -13.10 -13.97 14.34
CA LEU A 588 -13.03 -15.26 15.02
C LEU A 588 -14.33 -15.65 15.72
N GLY A 589 -15.26 -14.72 15.90
CA GLY A 589 -16.55 -15.09 16.47
C GLY A 589 -17.39 -16.02 15.61
N SER A 590 -17.00 -16.24 14.35
CA SER A 590 -17.65 -17.23 13.49
C SER A 590 -16.60 -18.25 13.04
N GLU A 591 -16.72 -19.47 13.55
CA GLU A 591 -15.83 -20.54 13.10
C GLU A 591 -16.05 -20.89 11.64
N ASN A 592 -17.26 -20.70 11.11
CA ASN A 592 -17.49 -21.01 9.71
C ASN A 592 -16.79 -20.03 8.79
N VAL A 593 -16.89 -18.74 9.09
CA VAL A 593 -16.18 -17.74 8.29
C VAL A 593 -14.68 -17.91 8.46
N THR A 594 -14.23 -18.16 9.69
CA THR A 594 -12.80 -18.35 9.94
C THR A 594 -12.28 -19.54 9.13
N ALA A 595 -12.95 -20.69 9.24
CA ALA A 595 -12.53 -21.89 8.52
C ALA A 595 -12.53 -21.67 7.01
N MET A 596 -13.45 -20.85 6.50
CA MET A 596 -13.40 -20.56 5.07
C MET A 596 -12.18 -19.73 4.72
N ALA A 597 -11.86 -18.73 5.55
CA ALA A 597 -10.73 -17.87 5.23
C ALA A 597 -9.41 -18.65 5.30
N LEU A 598 -9.29 -19.57 6.24
CA LEU A 598 -8.03 -20.28 6.46
C LEU A 598 -7.91 -21.57 5.65
N HIS A 599 -9.03 -22.16 5.22
CA HIS A 599 -8.99 -23.48 4.61
C HIS A 599 -9.89 -23.59 3.40
N GLY A 600 -11.18 -23.26 3.58
CA GLY A 600 -12.14 -23.44 2.52
C GLY A 600 -11.74 -22.76 1.23
N LEU A 601 -11.17 -21.54 1.33
CA LEU A 601 -10.77 -20.81 0.13
C LEU A 601 -9.75 -21.59 -0.71
N GLN A 602 -8.98 -22.50 -0.10
CA GLN A 602 -7.93 -23.19 -0.82
C GLN A 602 -8.47 -23.96 -2.03
N ASP A 603 -9.59 -24.64 -1.89
CA ASP A 603 -10.14 -25.37 -3.03
C ASP A 603 -11.19 -24.58 -3.78
N VAL A 604 -11.39 -23.31 -3.42
CA VAL A 604 -12.24 -22.42 -4.19
C VAL A 604 -11.36 -21.64 -5.16
N VAL A 605 -10.36 -20.91 -4.64
CA VAL A 605 -9.53 -20.02 -5.46
C VAL A 605 -8.06 -20.45 -5.52
N GLY A 606 -7.71 -21.60 -4.94
CA GLY A 606 -6.34 -22.09 -5.03
C GLY A 606 -5.37 -21.47 -4.07
N ALA A 607 -5.85 -20.76 -3.04
CA ALA A 607 -5.03 -20.09 -2.05
C ALA A 607 -5.92 -19.77 -0.85
N ALA A 608 -5.29 -19.43 0.27
CA ALA A 608 -6.03 -19.20 1.51
C ALA A 608 -5.23 -18.25 2.40
N PHE A 609 -5.91 -17.71 3.42
CA PHE A 609 -5.25 -16.91 4.44
C PHE A 609 -4.56 -17.79 5.47
N MET A 610 -3.37 -17.37 5.91
CA MET A 610 -2.66 -17.97 7.04
C MET A 610 -2.48 -16.90 8.12
N VAL A 611 -2.85 -17.21 9.35
CA VAL A 611 -2.70 -16.27 10.45
C VAL A 611 -1.64 -16.85 11.37
N GLU A 612 -0.54 -16.13 11.53
CA GLU A 612 0.60 -16.59 12.33
C GLU A 612 1.40 -15.39 12.82
N PRO A 613 1.36 -15.10 14.11
CA PRO A 613 2.14 -13.96 14.62
C PRO A 613 3.63 -14.24 14.80
N ASP A 614 4.05 -15.51 14.81
CA ASP A 614 5.48 -15.85 14.95
C ASP A 614 6.11 -15.79 13.57
N PRO A 615 6.93 -14.76 13.28
CA PRO A 615 7.42 -14.60 11.91
C PRO A 615 8.26 -15.77 11.43
N VAL A 616 8.92 -16.51 12.32
CA VAL A 616 9.64 -17.70 11.88
C VAL A 616 8.67 -18.77 11.40
N LYS A 617 7.62 -19.02 12.17
CA LYS A 617 6.57 -19.94 11.71
C LYS A 617 5.89 -19.44 10.44
N ALA A 618 5.71 -18.12 10.32
CA ALA A 618 5.23 -17.56 9.06
C ALA A 618 6.15 -17.94 7.90
N ALA A 619 7.46 -17.82 8.09
CA ALA A 619 8.39 -18.16 7.03
C ALA A 619 8.25 -19.63 6.65
N ASP A 620 8.16 -20.51 7.66
CA ASP A 620 7.95 -21.93 7.40
C ASP A 620 6.69 -22.17 6.57
N MET A 621 5.58 -21.52 6.95
CA MET A 621 4.33 -21.73 6.23
C MET A 621 4.43 -21.22 4.80
N LEU A 622 4.90 -19.98 4.63
CA LEU A 622 5.08 -19.45 3.28
C LEU A 622 5.99 -20.35 2.45
N GLU A 623 7.08 -20.85 3.06
CA GLU A 623 8.04 -21.68 2.33
C GLU A 623 7.43 -23.02 1.96
N ALA A 624 6.64 -23.61 2.85
CA ALA A 624 5.98 -24.88 2.53
C ALA A 624 5.02 -24.74 1.35
N HIS A 625 4.27 -23.64 1.29
CA HIS A 625 3.42 -23.45 0.11
C HIS A 625 4.25 -23.34 -1.16
N ILE A 626 5.36 -22.59 -1.13
CA ILE A 626 6.20 -22.44 -2.30
C ILE A 626 6.74 -23.80 -2.75
N VAL A 627 7.14 -24.64 -1.79
CA VAL A 627 7.64 -25.97 -2.14
C VAL A 627 6.55 -26.79 -2.84
N ALA A 628 5.32 -26.75 -2.29
CA ALA A 628 4.21 -27.48 -2.93
C ALA A 628 4.04 -27.04 -4.38
N ARG A 629 4.01 -25.72 -4.62
CA ARG A 629 3.86 -25.23 -5.98
C ARG A 629 5.05 -25.59 -6.86
N ARG A 630 6.26 -25.59 -6.30
CA ARG A 630 7.43 -26.03 -7.06
C ARG A 630 7.24 -27.45 -7.57
N ALA A 631 6.81 -28.36 -6.70
CA ALA A 631 6.67 -29.74 -7.12
C ALA A 631 5.58 -29.89 -8.19
N ARG A 632 4.45 -29.22 -8.01
CA ARG A 632 3.37 -29.20 -8.99
CA ARG A 632 3.40 -29.27 -9.01
C ARG A 632 3.88 -28.72 -10.36
N LEU A 633 4.90 -27.88 -10.37
CA LEU A 633 5.51 -27.44 -11.62
C LEU A 633 6.60 -28.39 -12.10
N GLY A 634 6.90 -29.44 -11.33
CA GLY A 634 7.98 -30.33 -11.67
C GLY A 634 9.36 -29.85 -11.30
N LEU A 635 9.47 -28.93 -10.34
CA LEU A 635 10.74 -28.34 -9.96
C LEU A 635 11.32 -29.00 -8.72
N THR A 636 12.64 -28.98 -8.63
CA THR A 636 13.38 -29.53 -7.50
C THR A 636 12.95 -28.94 -6.16
#